data_8P5J
#
_entry.id   8P5J
#
_cell.length_a   84.090
_cell.length_b   96.090
_cell.length_c   108.900
_cell.angle_alpha   90.000
_cell.angle_beta   90.000
_cell.angle_gamma   90.000
#
_symmetry.space_group_name_H-M   'P 2 21 21'
#
loop_
_entity.id
_entity.type
_entity.pdbx_description
1 polymer 'Serine/threonine-protein kinase ULK1'
2 non-polymer ~{N}-[3-[5-chloranyl-2-[[2-methoxy-4-(4-methylpiperazin-1-yl)phenyl]amino]pyrimidin-4-yl]oxyphenyl]propanamide
3 non-polymer 'MAGNESIUM ION'
4 non-polymer 'SODIUM ION'
5 water water
#
_entity_poly.entity_id   1
_entity_poly.type   'polypeptide(L)'
_entity_poly.pdbx_seq_one_letter_code
;SMEPGRGGTETVGKFEFSRKDLIGHGAFAVVFKGRHREKHDLEVAVKCINKKNLAKSQTLLGKEIKILKELKHENIVALY
DFQEMANSVYLVMEYCNGGDLADYLHAMRTLSEDTIRLFLQQIAGAMRLLHSKGIIHRDLKPQNILLSNPAGRRANPNSI
RVKIADFGFARYLQSNMMAA(TPO)LCGSPMYMAPEVIMSQHYDGKADLWSIGTIVYQCLTGKAPFQASSPQDLRLFYEK
NKTLVPTIPAATSAPLRQLLLALLQRNHKDRMDFDEFFHHPFLDASPS
;
_entity_poly.pdbx_strand_id   A,B
#
# COMPACT_ATOMS: atom_id res chain seq x y z
N THR A 9 -8.97 -3.46 41.90
CA THR A 9 -7.80 -3.19 41.02
C THR A 9 -7.31 -4.45 40.33
N GLU A 10 -7.54 -4.51 39.02
CA GLU A 10 -7.00 -5.57 38.18
C GLU A 10 -5.71 -5.09 37.53
N THR A 11 -4.84 -6.04 37.18
CA THR A 11 -3.63 -5.70 36.47
C THR A 11 -3.59 -6.42 35.12
N VAL A 12 -2.97 -5.77 34.13
CA VAL A 12 -2.71 -6.34 32.82
C VAL A 12 -1.32 -5.88 32.45
N GLY A 13 -0.36 -6.80 32.54
CA GLY A 13 1.03 -6.45 32.31
C GLY A 13 1.46 -5.35 33.27
N LYS A 14 2.04 -4.29 32.69
CA LYS A 14 2.55 -3.16 33.44
C LYS A 14 1.47 -2.13 33.72
N PHE A 15 0.19 -2.50 33.60
CA PHE A 15 -0.90 -1.54 33.65
C PHE A 15 -1.96 -2.03 34.64
N GLU A 16 -2.76 -1.10 35.14
CA GLU A 16 -3.83 -1.48 36.06
C GLU A 16 -5.04 -0.57 35.86
N PHE A 17 -6.18 -1.07 36.34
CA PHE A 17 -7.41 -0.31 36.28
C PHE A 17 -8.37 -0.87 37.32
N SER A 18 -9.39 -0.06 37.65
CA SER A 18 -10.52 -0.49 38.45
C SER A 18 -11.80 -0.36 37.64
N ARG A 19 -12.72 -1.31 37.88
CA ARG A 19 -13.98 -1.35 37.15
C ARG A 19 -14.96 -0.33 37.69
N LYS A 20 -14.50 0.52 38.60
CA LYS A 20 -15.27 1.68 39.04
C LYS A 20 -15.20 2.77 37.98
N ASP A 21 -14.05 2.87 37.30
CA ASP A 21 -13.74 3.96 36.39
C ASP A 21 -14.13 3.60 34.96
N LEU A 22 -15.43 3.35 34.74
CA LEU A 22 -16.02 3.12 33.44
C LEU A 22 -15.82 4.32 32.51
N ILE A 23 -15.44 4.03 31.25
CA ILE A 23 -15.45 4.97 30.14
C ILE A 23 -16.75 4.73 29.36
N GLY A 24 -17.04 3.47 29.02
CA GLY A 24 -18.26 3.15 28.31
C GLY A 24 -18.46 1.65 28.18
N HIS A 25 -19.70 1.25 27.87
CA HIS A 25 -20.17 -0.11 27.84
C HIS A 25 -20.88 -0.31 26.51
N GLY A 26 -20.11 -0.55 25.44
CA GLY A 26 -20.67 -0.96 24.15
C GLY A 26 -21.14 -2.40 24.16
N ALA A 27 -21.76 -2.86 23.07
CA ALA A 27 -22.23 -4.24 22.99
C ALA A 27 -21.07 -5.23 22.88
N PHE A 28 -19.91 -4.80 22.37
CA PHE A 28 -18.84 -5.73 22.05
C PHE A 28 -17.56 -5.41 22.81
N ALA A 29 -17.64 -4.43 23.69
CA ALA A 29 -16.52 -4.10 24.54
C ALA A 29 -17.00 -3.28 25.71
N VAL A 30 -16.35 -3.45 26.85
CA VAL A 30 -16.48 -2.55 27.98
C VAL A 30 -15.10 -1.96 28.21
N VAL A 31 -15.07 -0.64 28.45
CA VAL A 31 -13.83 0.10 28.50
C VAL A 31 -13.74 0.86 29.82
N PHE A 32 -12.55 0.81 30.42
CA PHE A 32 -12.29 1.39 31.73
C PHE A 32 -11.03 2.23 31.63
N LYS A 33 -10.99 3.25 32.46
CA LYS A 33 -9.79 4.07 32.63
C LYS A 33 -8.83 3.38 33.60
N GLY A 34 -7.54 3.50 33.32
CA GLY A 34 -6.54 2.90 34.15
C GLY A 34 -5.26 3.67 34.00
N ARG A 35 -4.16 3.06 34.44
CA ARG A 35 -2.88 3.74 34.36
C ARG A 35 -1.74 2.73 34.35
N HIS A 36 -0.54 3.23 34.03
CA HIS A 36 0.67 2.44 34.15
C HIS A 36 0.97 2.24 35.64
N ARG A 37 1.55 1.10 36.01
CA ARG A 37 1.70 0.72 37.43
C ARG A 37 2.91 1.37 38.09
N GLU A 38 3.94 1.70 37.29
CA GLU A 38 5.06 2.49 37.72
C GLU A 38 4.77 3.97 37.51
N LYS A 39 4.42 4.38 36.27
CA LYS A 39 4.21 5.77 35.89
C LYS A 39 2.71 6.08 35.97
N HIS A 40 2.28 6.52 37.15
CA HIS A 40 0.89 6.67 37.50
C HIS A 40 0.21 7.80 36.73
N ASP A 41 1.00 8.69 36.14
CA ASP A 41 0.47 9.81 35.38
C ASP A 41 0.22 9.41 33.92
N LEU A 42 0.74 8.26 33.46
CA LEU A 42 0.38 7.71 32.15
C LEU A 42 -0.99 7.05 32.22
N GLU A 43 -1.99 7.73 31.66
CA GLU A 43 -3.33 7.21 31.66
C GLU A 43 -3.52 6.29 30.46
N VAL A 44 -4.43 5.32 30.60
CA VAL A 44 -4.71 4.38 29.53
C VAL A 44 -6.19 4.05 29.60
N ALA A 45 -6.67 3.45 28.51
CA ALA A 45 -8.00 2.89 28.49
C ALA A 45 -7.85 1.38 28.32
N VAL A 46 -8.64 0.60 29.06
CA VAL A 46 -8.51 -0.84 28.97
C VAL A 46 -9.83 -1.38 28.48
N LYS A 47 -9.74 -2.09 27.34
CA LYS A 47 -10.90 -2.63 26.65
C LYS A 47 -11.02 -4.11 27.01
N CYS A 48 -12.22 -4.54 27.42
CA CYS A 48 -12.52 -5.86 27.94
C CYS A 48 -13.71 -6.46 27.20
N ILE A 49 -13.85 -7.78 27.31
CA ILE A 49 -14.97 -8.50 26.73
C ILE A 49 -16.25 -8.01 27.38
N ASN A 50 -17.30 -7.87 26.57
CA ASN A 50 -18.65 -7.72 27.12
C ASN A 50 -19.29 -9.11 27.16
N LYS A 51 -19.45 -9.66 28.36
CA LYS A 51 -19.81 -11.07 28.49
C LYS A 51 -21.26 -11.30 28.02
N LYS A 52 -22.07 -10.25 27.89
CA LYS A 52 -23.39 -10.43 27.32
C LYS A 52 -23.31 -10.88 25.86
N ASN A 53 -22.18 -10.61 25.19
CA ASN A 53 -21.97 -11.01 23.81
C ASN A 53 -20.58 -11.60 23.63
N LEU A 54 -20.34 -12.68 24.37
CA LEU A 54 -18.99 -13.14 24.63
C LEU A 54 -18.28 -13.48 23.34
N ALA A 55 -18.89 -14.33 22.51
CA ALA A 55 -18.17 -14.91 21.39
C ALA A 55 -17.79 -13.81 20.42
N LYS A 56 -18.76 -12.97 20.09
CA LYS A 56 -18.57 -11.90 19.12
C LYS A 56 -17.60 -10.85 19.70
N SER A 57 -17.74 -10.52 20.99
CA SER A 57 -16.87 -9.57 21.66
C SER A 57 -15.43 -10.04 21.62
N GLN A 58 -15.25 -11.33 21.87
CA GLN A 58 -13.92 -11.92 21.85
C GLN A 58 -13.33 -11.91 20.44
N THR A 59 -14.14 -12.24 19.43
CA THR A 59 -13.66 -12.20 18.05
C THR A 59 -13.21 -10.79 17.67
N LEU A 60 -14.06 -9.77 17.96
CA LEU A 60 -13.79 -8.40 17.53
C LEU A 60 -12.53 -7.88 18.24
N LEU A 61 -12.40 -8.15 19.54
CA LEU A 61 -11.22 -7.66 20.27
C LEU A 61 -9.94 -8.35 19.76
N GLY A 62 -10.02 -9.66 19.46
CA GLY A 62 -8.89 -10.35 18.85
C GLY A 62 -8.50 -9.74 17.50
N LYS A 63 -9.50 -9.40 16.69
CA LYS A 63 -9.23 -8.82 15.37
C LYS A 63 -8.57 -7.45 15.54
N GLU A 64 -9.06 -6.68 16.52
CA GLU A 64 -8.51 -5.37 16.79
C GLU A 64 -7.03 -5.45 17.16
N ILE A 65 -6.65 -6.44 17.96
CA ILE A 65 -5.23 -6.61 18.30
C ILE A 65 -4.40 -6.85 17.05
N LYS A 66 -4.88 -7.73 16.18
CA LYS A 66 -4.17 -8.11 14.97
C LYS A 66 -3.90 -6.91 14.08
N ILE A 67 -4.89 -6.02 13.92
CA ILE A 67 -4.74 -4.83 13.10
C ILE A 67 -3.87 -3.76 13.83
N LEU A 68 -4.21 -3.44 15.08
CA LEU A 68 -3.61 -2.29 15.72
C LEU A 68 -2.15 -2.51 16.11
N LYS A 69 -1.72 -3.75 16.37
CA LYS A 69 -0.33 -3.99 16.72
C LYS A 69 0.57 -3.61 15.55
N GLU A 70 -0.01 -3.42 14.36
CA GLU A 70 0.74 -3.04 13.17
C GLU A 70 0.65 -1.55 12.81
N LEU A 71 -0.09 -0.75 13.57
CA LEU A 71 -0.37 0.64 13.19
C LEU A 71 0.14 1.58 14.28
N LYS A 72 1.14 2.40 13.96
CA LYS A 72 1.52 3.49 14.85
C LYS A 72 1.29 4.81 14.14
N HIS A 73 0.35 5.61 14.63
CA HIS A 73 0.10 6.89 13.98
C HIS A 73 -0.54 7.82 14.98
N GLU A 74 -0.21 9.10 14.90
CA GLU A 74 -0.75 10.11 15.80
C GLU A 74 -2.28 10.17 15.74
N ASN A 75 -2.90 9.80 14.61
CA ASN A 75 -4.34 9.97 14.47
C ASN A 75 -5.10 8.65 14.53
N ILE A 76 -4.44 7.60 15.06
CA ILE A 76 -5.04 6.32 15.33
C ILE A 76 -4.79 5.97 16.79
N VAL A 77 -5.85 5.68 17.55
CA VAL A 77 -5.67 5.28 18.95
C VAL A 77 -4.64 4.17 19.07
N ALA A 78 -3.60 4.38 19.89
CA ALA A 78 -2.46 3.48 19.94
C ALA A 78 -2.80 2.31 20.87
N LEU A 79 -2.33 1.10 20.46
CA LEU A 79 -2.37 -0.10 21.29
C LEU A 79 -1.05 -0.22 22.03
N TYR A 80 -1.06 -0.04 23.34
CA TYR A 80 0.18 -0.07 24.09
C TYR A 80 0.54 -1.50 24.47
N ASP A 81 -0.45 -2.30 24.85
CA ASP A 81 -0.25 -3.69 25.15
C ASP A 81 -1.60 -4.39 25.02
N PHE A 82 -1.57 -5.70 25.16
CA PHE A 82 -2.76 -6.51 25.07
C PHE A 82 -2.50 -7.80 25.84
N GLN A 83 -3.57 -8.51 26.15
CA GLN A 83 -3.44 -9.83 26.76
C GLN A 83 -4.59 -10.70 26.26
N GLU A 84 -4.21 -11.68 25.44
CA GLU A 84 -5.18 -12.59 24.87
C GLU A 84 -5.02 -14.00 25.43
N MET A 85 -6.15 -14.63 25.78
CA MET A 85 -6.20 -15.94 26.40
C MET A 85 -7.37 -16.69 25.78
N ALA A 86 -7.62 -17.93 26.19
CA ALA A 86 -8.68 -18.67 25.54
C ALA A 86 -10.02 -18.03 25.85
N ASN A 87 -10.20 -17.53 27.07
CA ASN A 87 -11.53 -17.09 27.48
C ASN A 87 -11.57 -15.62 27.88
N SER A 88 -10.53 -14.84 27.57
CA SER A 88 -10.53 -13.44 27.94
C SER A 88 -9.55 -12.70 27.03
N VAL A 89 -9.86 -11.42 26.77
CA VAL A 89 -8.96 -10.54 26.04
C VAL A 89 -9.06 -9.12 26.60
N TYR A 90 -7.91 -8.47 26.68
CA TYR A 90 -7.79 -7.11 27.14
C TYR A 90 -6.93 -6.37 26.15
N LEU A 91 -7.34 -5.13 25.83
CA LEU A 91 -6.46 -4.24 25.10
C LEU A 91 -6.13 -3.06 26.01
N VAL A 92 -4.86 -2.69 26.04
CA VAL A 92 -4.44 -1.50 26.74
C VAL A 92 -4.08 -0.44 25.71
N MET A 93 -4.84 0.65 25.73
CA MET A 93 -4.85 1.65 24.67
C MET A 93 -4.63 3.04 25.25
N GLU A 94 -4.13 3.91 24.39
CA GLU A 94 -4.08 5.35 24.61
C GLU A 94 -5.44 5.83 25.06
N TYR A 95 -5.45 6.60 26.16
CA TYR A 95 -6.66 7.24 26.66
C TYR A 95 -6.91 8.51 25.84
N CYS A 96 -8.12 8.67 25.33
CA CYS A 96 -8.51 9.88 24.59
C CYS A 96 -9.44 10.70 25.49
N ASN A 97 -8.88 11.76 26.08
CA ASN A 97 -9.51 12.50 27.17
C ASN A 97 -10.64 13.41 26.68
N GLY A 98 -10.72 13.63 25.36
CA GLY A 98 -11.78 14.48 24.81
C GLY A 98 -13.09 13.77 24.49
N GLY A 99 -13.13 12.43 24.60
CA GLY A 99 -14.35 11.72 24.24
C GLY A 99 -14.53 11.65 22.71
N ASP A 100 -15.78 11.50 22.24
CA ASP A 100 -16.01 11.23 20.83
C ASP A 100 -16.57 12.43 20.08
N LEU A 101 -16.43 12.35 18.76
CA LEU A 101 -16.93 13.38 17.87
C LEU A 101 -18.45 13.46 17.99
N ALA A 102 -19.12 12.33 18.22
CA ALA A 102 -20.58 12.35 18.31
C ALA A 102 -21.06 13.28 19.44
N ASP A 103 -20.43 13.22 20.61
CA ASP A 103 -20.82 14.08 21.72
C ASP A 103 -20.53 15.56 21.41
N TYR A 104 -19.40 15.81 20.76
CA TYR A 104 -19.05 17.16 20.38
C TYR A 104 -20.08 17.73 19.41
N LEU A 105 -20.46 16.96 18.38
CA LEU A 105 -21.49 17.40 17.43
C LEU A 105 -22.82 17.62 18.13
N HIS A 106 -23.18 16.75 19.08
CA HIS A 106 -24.42 16.94 19.82
C HIS A 106 -24.46 18.31 20.51
N ALA A 107 -23.31 18.84 20.93
CA ALA A 107 -23.27 20.13 21.60
C ALA A 107 -23.18 21.27 20.58
N MET A 108 -22.33 21.10 19.56
CA MET A 108 -22.04 22.15 18.60
C MET A 108 -23.16 22.28 17.58
N ARG A 109 -23.81 21.15 17.26
CA ARG A 109 -24.86 21.05 16.25
C ARG A 109 -24.24 21.03 14.87
N THR A 110 -23.38 22.01 14.55
CA THR A 110 -22.67 21.98 13.28
C THR A 110 -21.30 22.54 13.56
N LEU A 111 -20.35 22.24 12.65
CA LEU A 111 -18.98 22.69 12.77
C LEU A 111 -18.70 23.66 11.63
N SER A 112 -17.81 24.61 11.89
CA SER A 112 -17.34 25.49 10.86
C SER A 112 -16.51 24.70 9.85
N GLU A 113 -16.32 25.27 8.66
CA GLU A 113 -15.47 24.67 7.64
C GLU A 113 -14.04 24.52 8.14
N ASP A 114 -13.55 25.51 8.89
CA ASP A 114 -12.18 25.48 9.38
C ASP A 114 -11.99 24.31 10.35
N THR A 115 -12.97 24.03 11.20
CA THR A 115 -12.87 22.90 12.12
C THR A 115 -12.97 21.57 11.37
N ILE A 116 -13.90 21.49 10.40
CA ILE A 116 -14.05 20.33 9.56
C ILE A 116 -12.72 20.06 8.91
N ARG A 117 -12.10 21.12 8.39
CA ARG A 117 -10.85 20.98 7.68
C ARG A 117 -9.78 20.43 8.63
N LEU A 118 -9.67 21.00 9.85
CA LEU A 118 -8.67 20.56 10.79
C LEU A 118 -8.83 19.07 11.07
N PHE A 119 -10.06 18.64 11.36
CA PHE A 119 -10.35 17.25 11.68
C PHE A 119 -10.13 16.37 10.46
N LEU A 120 -10.55 16.83 9.27
CA LEU A 120 -10.48 15.99 8.10
C LEU A 120 -9.03 15.83 7.66
N GLN A 121 -8.18 16.85 7.86
CA GLN A 121 -6.77 16.69 7.53
C GLN A 121 -6.14 15.54 8.33
N GLN A 122 -6.55 15.43 9.59
CA GLN A 122 -6.01 14.41 10.48
C GLN A 122 -6.58 13.03 10.14
N ILE A 123 -7.88 12.95 9.88
CA ILE A 123 -8.45 11.70 9.44
C ILE A 123 -7.74 11.22 8.16
N ALA A 124 -7.50 12.14 7.21
CA ALA A 124 -6.86 11.74 5.97
C ALA A 124 -5.45 11.21 6.20
N GLY A 125 -4.72 11.80 7.16
CA GLY A 125 -3.41 11.31 7.53
C GLY A 125 -3.46 9.84 8.01
N ALA A 126 -4.44 9.53 8.87
CA ALA A 126 -4.67 8.16 9.32
C ALA A 126 -5.00 7.24 8.13
N MET A 127 -5.84 7.75 7.23
CA MET A 127 -6.37 6.94 6.14
C MET A 127 -5.24 6.65 5.16
N ARG A 128 -4.28 7.55 5.06
CA ARG A 128 -3.13 7.34 4.20
C ARG A 128 -2.30 6.16 4.71
N LEU A 129 -2.12 6.03 6.04
CA LEU A 129 -1.45 4.87 6.56
C LEU A 129 -2.28 3.60 6.32
N LEU A 130 -3.57 3.61 6.66
CA LEU A 130 -4.42 2.44 6.43
C LEU A 130 -4.31 2.00 4.97
N HIS A 131 -4.50 2.94 4.05
CA HIS A 131 -4.46 2.60 2.64
C HIS A 131 -3.09 2.05 2.26
N SER A 132 -1.99 2.60 2.78
CA SER A 132 -0.68 2.08 2.41
C SER A 132 -0.47 0.69 3.02
N LYS A 133 -1.11 0.37 4.13
CA LYS A 133 -0.96 -0.96 4.68
C LYS A 133 -1.97 -1.97 4.10
N GLY A 134 -2.94 -1.51 3.30
CA GLY A 134 -3.90 -2.43 2.70
C GLY A 134 -5.03 -2.77 3.66
N ILE A 135 -5.35 -1.86 4.59
CA ILE A 135 -6.35 -2.09 5.62
C ILE A 135 -7.57 -1.21 5.36
N ILE A 136 -8.78 -1.81 5.49
CA ILE A 136 -10.03 -1.07 5.45
C ILE A 136 -10.68 -1.13 6.84
N HIS A 137 -11.25 0.00 7.30
CA HIS A 137 -11.76 0.10 8.67
C HIS A 137 -13.14 -0.53 8.81
N ARG A 138 -14.07 -0.06 7.95
CA ARG A 138 -15.41 -0.57 7.76
C ARG A 138 -16.41 -0.17 8.84
N ASP A 139 -16.04 0.69 9.80
CA ASP A 139 -17.04 1.17 10.74
C ASP A 139 -16.74 2.62 11.15
N LEU A 140 -16.39 3.46 10.19
CA LEU A 140 -16.14 4.86 10.48
C LEU A 140 -17.47 5.58 10.76
N LYS A 141 -17.52 6.29 11.90
CA LYS A 141 -18.68 7.06 12.30
C LYS A 141 -18.25 7.91 13.48
N PRO A 142 -19.03 8.96 13.84
CA PRO A 142 -18.57 9.89 14.87
C PRO A 142 -18.32 9.26 16.23
N GLN A 143 -19.02 8.16 16.52
CA GLN A 143 -18.83 7.42 17.76
C GLN A 143 -17.45 6.75 17.79
N ASN A 144 -16.79 6.60 16.64
CA ASN A 144 -15.50 5.92 16.56
C ASN A 144 -14.40 6.88 16.20
N ILE A 145 -14.68 8.17 16.27
CA ILE A 145 -13.64 9.17 16.12
C ILE A 145 -13.51 9.87 17.46
N LEU A 146 -12.33 9.76 18.08
CA LEU A 146 -12.13 10.23 19.43
C LEU A 146 -11.27 11.49 19.39
N LEU A 147 -11.40 12.32 20.44
CA LEU A 147 -10.66 13.56 20.57
C LEU A 147 -9.68 13.47 21.74
N SER A 148 -8.50 14.01 21.56
CA SER A 148 -7.48 13.98 22.59
C SER A 148 -6.79 15.33 22.62
N ASN A 149 -6.60 15.86 23.84
CA ASN A 149 -5.69 16.97 24.10
C ASN A 149 -4.44 16.44 24.78
N PRO A 150 -3.30 16.31 24.07
CA PRO A 150 -2.12 15.61 24.60
C PRO A 150 -1.17 16.45 25.47
N ARG A 154 1.55 21.88 24.94
CA ARG A 154 0.52 22.12 23.89
C ARG A 154 0.76 23.51 23.29
N ALA A 155 2.05 23.83 23.14
CA ALA A 155 2.54 25.11 22.65
C ALA A 155 2.70 25.11 21.12
N ASN A 156 2.13 24.08 20.46
CA ASN A 156 1.97 24.08 19.01
C ASN A 156 0.56 24.55 18.63
N PRO A 157 0.39 25.15 17.43
CA PRO A 157 -0.92 25.64 16.99
C PRO A 157 -1.91 24.50 16.70
N ASN A 158 -3.17 24.69 17.08
CA ASN A 158 -4.23 23.69 16.92
C ASN A 158 -3.79 22.29 17.39
N SER A 159 -3.52 22.17 18.69
CA SER A 159 -2.96 20.98 19.30
C SER A 159 -3.99 19.86 19.51
N ILE A 160 -5.32 20.11 19.39
CA ILE A 160 -6.32 19.05 19.53
C ILE A 160 -6.16 17.96 18.46
N ARG A 161 -6.33 16.69 18.85
CA ARG A 161 -6.04 15.59 17.95
C ARG A 161 -7.29 14.74 17.80
N VAL A 162 -7.59 14.36 16.56
CA VAL A 162 -8.55 13.33 16.20
CA VAL A 162 -8.56 13.32 16.33
C VAL A 162 -7.84 11.99 16.18
N LYS A 163 -8.48 10.95 16.70
CA LYS A 163 -7.93 9.61 16.72
C LYS A 163 -9.02 8.63 16.27
N ILE A 164 -8.75 7.85 15.21
CA ILE A 164 -9.68 6.81 14.80
C ILE A 164 -9.56 5.61 15.74
N ALA A 165 -10.71 5.12 16.19
CA ALA A 165 -10.81 4.00 17.09
C ALA A 165 -11.69 2.91 16.47
N ASP A 166 -11.72 1.76 17.16
CA ASP A 166 -12.67 0.67 16.92
C ASP A 166 -12.39 -0.05 15.61
N PHE A 167 -11.27 -0.79 15.61
CA PHE A 167 -10.83 -1.54 14.46
C PHE A 167 -11.28 -3.00 14.48
N GLY A 168 -12.31 -3.32 15.27
CA GLY A 168 -12.85 -4.66 15.41
C GLY A 168 -13.38 -5.27 14.11
N PHE A 169 -13.87 -4.42 13.20
CA PHE A 169 -14.43 -4.86 11.94
C PHE A 169 -13.42 -4.73 10.78
N ALA A 170 -12.22 -4.24 11.07
CA ALA A 170 -11.27 -3.92 10.01
C ALA A 170 -10.69 -5.21 9.43
N ARG A 171 -10.18 -5.17 8.19
CA ARG A 171 -9.48 -6.30 7.61
C ARG A 171 -8.39 -5.80 6.67
N TYR A 172 -7.40 -6.64 6.42
CA TYR A 172 -6.54 -6.53 5.25
C TYR A 172 -7.35 -6.89 3.99
N LEU A 173 -7.23 -6.10 2.94
CA LEU A 173 -7.83 -6.41 1.67
C LEU A 173 -6.76 -6.28 0.61
N GLN A 174 -6.37 -7.38 -0.01
CA GLN A 174 -5.38 -7.33 -1.06
C GLN A 174 -5.87 -6.47 -2.22
N SER A 175 -4.95 -5.76 -2.88
CA SER A 175 -5.31 -4.65 -3.75
C SER A 175 -6.04 -5.11 -5.04
N ASN A 176 -5.95 -6.38 -5.41
CA ASN A 176 -6.73 -6.88 -6.54
C ASN A 176 -7.96 -7.66 -6.07
N MET A 177 -8.40 -7.52 -4.82
CA MET A 177 -9.50 -8.34 -4.31
CA MET A 177 -9.50 -8.34 -4.31
C MET A 177 -10.61 -7.43 -3.83
N MET A 178 -11.79 -8.01 -3.61
CA MET A 178 -12.91 -7.27 -3.07
CA MET A 178 -12.91 -7.26 -3.06
C MET A 178 -13.36 -7.97 -1.80
N ALA A 179 -13.87 -7.18 -0.86
CA ALA A 179 -14.49 -7.66 0.36
C ALA A 179 -16.00 -7.83 0.13
N ALA A 180 -16.62 -8.66 0.96
CA ALA A 180 -18.07 -8.86 0.85
C ALA A 180 -18.73 -9.05 2.20
N LEU A 182 -20.78 -8.20 5.33
CA LEU A 182 -21.71 -7.15 5.67
C LEU A 182 -21.44 -6.73 7.10
N CYS A 183 -20.87 -5.54 7.31
CA CYS A 183 -20.60 -5.02 8.64
C CYS A 183 -20.56 -3.50 8.54
N GLY A 184 -20.51 -2.81 9.68
CA GLY A 184 -20.61 -1.37 9.72
C GLY A 184 -21.95 -0.91 10.29
N SER A 185 -22.20 0.39 10.21
CA SER A 185 -23.39 1.01 10.75
C SER A 185 -24.20 1.55 9.59
N PRO A 186 -25.46 1.08 9.41
CA PRO A 186 -26.22 1.37 8.18
C PRO A 186 -26.21 2.83 7.72
N MET A 187 -26.34 3.77 8.66
CA MET A 187 -26.39 5.16 8.22
C MET A 187 -25.03 5.64 7.69
N TYR A 188 -23.90 4.92 7.94
CA TYR A 188 -22.62 5.35 7.41
C TYR A 188 -22.12 4.43 6.30
N MET A 189 -22.86 3.36 6.00
CA MET A 189 -22.40 2.31 5.09
C MET A 189 -22.47 2.81 3.66
N ALA A 190 -21.45 2.51 2.85
CA ALA A 190 -21.53 2.74 1.41
C ALA A 190 -22.70 1.96 0.81
N PRO A 191 -23.35 2.48 -0.26
CA PRO A 191 -24.42 1.77 -0.93
C PRO A 191 -24.08 0.32 -1.30
N GLU A 192 -22.87 0.10 -1.86
CA GLU A 192 -22.47 -1.25 -2.24
C GLU A 192 -22.43 -2.15 -1.01
N VAL A 193 -22.04 -1.60 0.15
CA VAL A 193 -21.99 -2.45 1.32
C VAL A 193 -23.42 -2.88 1.68
N ILE A 194 -24.32 -1.91 1.87
CA ILE A 194 -25.62 -2.21 2.43
C ILE A 194 -26.48 -2.98 1.40
N MET A 195 -26.20 -2.84 0.09
CA MET A 195 -26.85 -3.63 -0.94
C MET A 195 -26.21 -5.03 -1.11
N SER A 196 -25.31 -5.45 -0.20
CA SER A 196 -24.73 -6.79 -0.21
C SER A 196 -23.90 -7.03 -1.47
N GLN A 197 -23.29 -6.00 -2.02
CA GLN A 197 -22.36 -6.21 -3.11
C GLN A 197 -20.90 -6.32 -2.60
N HIS A 198 -20.01 -6.64 -3.53
CA HIS A 198 -18.59 -6.62 -3.32
C HIS A 198 -18.17 -5.15 -3.11
N TYR A 199 -17.14 -4.91 -2.30
CA TYR A 199 -16.67 -3.54 -2.14
C TYR A 199 -15.16 -3.53 -1.89
N ASP A 200 -14.60 -2.33 -1.84
CA ASP A 200 -13.18 -2.14 -1.55
C ASP A 200 -13.01 -0.98 -0.59
N GLY A 201 -11.81 -0.43 -0.56
CA GLY A 201 -11.45 0.67 0.33
C GLY A 201 -12.24 1.95 0.09
N LYS A 202 -12.90 2.09 -1.07
CA LYS A 202 -13.67 3.30 -1.29
C LYS A 202 -14.96 3.30 -0.46
N ALA A 203 -15.35 2.16 0.09
CA ALA A 203 -16.49 2.18 0.99
C ALA A 203 -16.21 3.12 2.17
N ASP A 204 -14.96 3.13 2.68
CA ASP A 204 -14.61 3.98 3.82
C ASP A 204 -14.72 5.47 3.44
N LEU A 205 -14.44 5.78 2.16
CA LEU A 205 -14.49 7.16 1.72
C LEU A 205 -15.93 7.67 1.74
N TRP A 206 -16.90 6.80 1.46
CA TRP A 206 -18.30 7.17 1.58
C TRP A 206 -18.64 7.49 3.05
N SER A 207 -18.23 6.61 3.95
CA SER A 207 -18.45 6.84 5.36
C SER A 207 -17.90 8.20 5.80
N ILE A 208 -16.69 8.53 5.30
CA ILE A 208 -16.05 9.79 5.63
C ILE A 208 -16.86 10.96 5.07
N GLY A 209 -17.29 10.84 3.83
CA GLY A 209 -18.13 11.86 3.22
C GLY A 209 -19.39 12.10 4.04
N THR A 210 -19.97 11.02 4.57
CA THR A 210 -21.17 11.19 5.34
C THR A 210 -20.85 11.83 6.68
N ILE A 211 -19.71 11.51 7.31
CA ILE A 211 -19.34 12.20 8.54
C ILE A 211 -19.17 13.70 8.27
N VAL A 212 -18.46 14.05 7.18
CA VAL A 212 -18.18 15.42 6.84
C VAL A 212 -19.50 16.18 6.60
N TYR A 213 -20.41 15.58 5.85
CA TYR A 213 -21.72 16.17 5.60
C TYR A 213 -22.50 16.37 6.90
N GLN A 214 -22.42 15.38 7.79
CA GLN A 214 -23.08 15.50 9.08
C GLN A 214 -22.50 16.66 9.91
N CYS A 215 -21.18 16.84 9.90
CA CYS A 215 -20.53 17.93 10.61
C CYS A 215 -21.00 19.28 10.04
N LEU A 216 -21.21 19.33 8.72
CA LEU A 216 -21.51 20.58 8.04
C LEU A 216 -22.95 21.02 8.29
N THR A 217 -23.89 20.06 8.23
CA THR A 217 -25.31 20.35 8.19
C THR A 217 -26.04 19.87 9.43
N GLY A 218 -25.43 18.97 10.19
CA GLY A 218 -26.08 18.37 11.35
C GLY A 218 -27.01 17.22 10.99
N LYS A 219 -27.06 16.81 9.73
CA LYS A 219 -27.94 15.71 9.33
C LYS A 219 -27.19 14.73 8.44
N ALA A 220 -27.78 13.54 8.30
CA ALA A 220 -27.35 12.53 7.35
C ALA A 220 -27.69 13.01 5.94
N PRO A 221 -26.88 12.74 4.91
CA PRO A 221 -27.22 13.18 3.57
C PRO A 221 -28.45 12.50 2.98
N PHE A 222 -28.73 11.28 3.42
CA PHE A 222 -29.81 10.48 2.87
C PHE A 222 -30.58 9.87 4.02
N GLN A 223 -31.71 10.47 4.36
CA GLN A 223 -32.45 10.11 5.56
C GLN A 223 -33.40 8.95 5.23
N ALA A 224 -33.56 8.05 6.18
CA ALA A 224 -34.55 6.99 6.07
C ALA A 224 -34.98 6.55 7.46
N SER A 225 -36.05 5.76 7.54
CA SER A 225 -36.63 5.42 8.83
C SER A 225 -35.97 4.17 9.41
N SER A 226 -35.39 3.32 8.56
CA SER A 226 -34.71 2.12 9.02
C SER A 226 -33.59 1.73 8.04
N PRO A 227 -32.66 0.84 8.45
CA PRO A 227 -31.68 0.27 7.53
C PRO A 227 -32.30 -0.27 6.23
N GLN A 228 -33.39 -1.05 6.36
CA GLN A 228 -34.07 -1.63 5.21
C GLN A 228 -34.56 -0.53 4.26
N ASP A 229 -35.08 0.56 4.84
CA ASP A 229 -35.58 1.68 4.07
C ASP A 229 -34.44 2.34 3.29
N LEU A 230 -33.31 2.55 3.96
CA LEU A 230 -32.15 3.19 3.35
C LEU A 230 -31.66 2.33 2.18
N ARG A 231 -31.65 1.00 2.37
CA ARG A 231 -31.25 0.07 1.32
C ARG A 231 -32.15 0.22 0.10
N LEU A 232 -33.47 0.16 0.33
CA LEU A 232 -34.44 0.32 -0.75
C LEU A 232 -34.21 1.66 -1.44
N PHE A 233 -34.04 2.73 -0.66
CA PHE A 233 -33.75 4.03 -1.27
C PHE A 233 -32.56 3.95 -2.24
N TYR A 234 -31.43 3.35 -1.81
CA TYR A 234 -30.24 3.30 -2.67
C TYR A 234 -30.51 2.42 -3.90
N GLU A 235 -31.24 1.32 -3.71
CA GLU A 235 -31.58 0.41 -4.81
C GLU A 235 -32.36 1.15 -5.91
N LYS A 236 -33.31 2.02 -5.53
CA LYS A 236 -34.18 2.67 -6.50
C LYS A 236 -33.55 3.88 -7.16
N ASN A 237 -32.54 4.49 -6.53
CA ASN A 237 -31.99 5.73 -7.06
C ASN A 237 -30.60 5.49 -7.64
N LYS A 238 -30.47 5.61 -8.95
CA LYS A 238 -29.24 5.23 -9.67
C LYS A 238 -28.18 6.32 -9.60
N THR A 239 -28.58 7.57 -9.35
CA THR A 239 -27.66 8.61 -8.94
C THR A 239 -28.20 9.16 -7.63
N LEU A 240 -27.27 9.50 -6.73
CA LEU A 240 -27.60 10.15 -5.48
C LEU A 240 -26.96 11.52 -5.52
N VAL A 241 -27.74 12.55 -5.18
CA VAL A 241 -27.17 13.88 -5.07
C VAL A 241 -27.52 14.40 -3.69
N PRO A 242 -26.52 14.61 -2.82
CA PRO A 242 -26.80 15.16 -1.50
C PRO A 242 -27.15 16.65 -1.69
N THR A 243 -28.03 17.17 -0.85
CA THR A 243 -28.33 18.59 -0.79
C THR A 243 -27.26 19.33 0.00
N ILE A 244 -26.50 20.16 -0.68
CA ILE A 244 -25.46 20.95 -0.04
C ILE A 244 -25.87 22.41 0.03
N PRO A 245 -25.84 23.03 1.23
CA PRO A 245 -26.24 24.44 1.39
C PRO A 245 -25.46 25.34 0.44
N ALA A 246 -26.11 26.43 0.03
CA ALA A 246 -25.57 27.36 -0.95
C ALA A 246 -24.33 28.06 -0.40
N ALA A 247 -24.32 28.28 0.93
CA ALA A 247 -23.22 28.94 1.61
C ALA A 247 -21.92 28.12 1.59
N THR A 248 -21.98 26.81 1.31
CA THR A 248 -20.80 25.95 1.37
C THR A 248 -19.75 26.45 0.38
N SER A 249 -18.47 26.45 0.78
CA SER A 249 -17.40 26.82 -0.11
C SER A 249 -17.30 25.84 -1.27
N ALA A 250 -16.71 26.29 -2.39
CA ALA A 250 -16.70 25.50 -3.60
C ALA A 250 -15.86 24.23 -3.41
N PRO A 251 -14.64 24.30 -2.83
CA PRO A 251 -13.85 23.09 -2.54
C PRO A 251 -14.58 22.10 -1.63
N LEU A 252 -15.32 22.55 -0.61
CA LEU A 252 -16.02 21.60 0.24
C LEU A 252 -17.19 20.94 -0.50
N ARG A 253 -17.91 21.71 -1.32
CA ARG A 253 -19.02 21.18 -2.12
C ARG A 253 -18.48 20.11 -3.06
N GLN A 254 -17.37 20.41 -3.72
CA GLN A 254 -16.79 19.50 -4.70
C GLN A 254 -16.33 18.22 -3.99
N LEU A 255 -15.73 18.35 -2.80
CA LEU A 255 -15.29 17.19 -2.03
C LEU A 255 -16.45 16.29 -1.67
N LEU A 256 -17.52 16.86 -1.14
CA LEU A 256 -18.68 16.08 -0.75
C LEU A 256 -19.33 15.39 -1.94
N LEU A 257 -19.41 16.07 -3.09
CA LEU A 257 -20.07 15.47 -4.24
C LEU A 257 -19.22 14.31 -4.75
N ALA A 258 -17.89 14.44 -4.69
CA ALA A 258 -17.01 13.39 -5.14
C ALA A 258 -16.98 12.21 -4.16
N LEU A 259 -17.15 12.42 -2.84
CA LEU A 259 -17.17 11.34 -1.87
C LEU A 259 -18.52 10.65 -1.84
N LEU A 260 -19.63 11.38 -2.02
CA LEU A 260 -20.95 10.77 -1.91
C LEU A 260 -21.49 10.42 -3.30
N GLN A 261 -20.70 9.67 -4.05
CA GLN A 261 -21.12 9.03 -5.29
C GLN A 261 -21.57 7.62 -4.98
N ARG A 262 -22.79 7.33 -5.45
CA ARG A 262 -23.45 6.07 -5.19
C ARG A 262 -22.56 4.91 -5.65
N ASN A 263 -21.99 5.07 -6.84
CA ASN A 263 -21.30 3.98 -7.51
C ASN A 263 -19.80 4.11 -7.23
N HIS A 264 -19.23 3.05 -6.68
CA HIS A 264 -17.86 3.13 -6.18
C HIS A 264 -16.86 3.41 -7.30
N LYS A 265 -17.14 2.97 -8.52
CA LYS A 265 -16.26 3.28 -9.65
C LYS A 265 -16.14 4.78 -9.88
N ASP A 266 -17.21 5.54 -9.65
CA ASP A 266 -17.22 6.99 -9.88
C ASP A 266 -16.73 7.77 -8.66
N ARG A 267 -16.64 7.12 -7.49
CA ARG A 267 -16.32 7.80 -6.25
C ARG A 267 -14.86 8.25 -6.25
N MET A 268 -14.59 9.37 -5.60
CA MET A 268 -13.23 9.83 -5.41
C MET A 268 -12.34 8.66 -4.93
N ASP A 269 -11.09 8.63 -5.37
CA ASP A 269 -10.15 7.63 -4.88
C ASP A 269 -9.17 8.28 -3.92
N PHE A 270 -8.32 7.44 -3.33
CA PHE A 270 -7.54 7.87 -2.19
C PHE A 270 -6.61 9.02 -2.54
N ASP A 271 -5.89 8.87 -3.64
CA ASP A 271 -4.93 9.88 -4.05
C ASP A 271 -5.61 11.26 -4.21
N GLU A 272 -6.78 11.29 -4.84
CA GLU A 272 -7.54 12.51 -5.01
C GLU A 272 -7.94 13.06 -3.65
N PHE A 273 -8.39 12.17 -2.74
CA PHE A 273 -8.83 12.60 -1.41
C PHE A 273 -7.67 13.26 -0.68
N PHE A 274 -6.51 12.59 -0.68
CA PHE A 274 -5.40 13.10 0.11
C PHE A 274 -4.88 14.45 -0.42
N HIS A 275 -5.02 14.70 -1.73
CA HIS A 275 -4.49 15.92 -2.33
C HIS A 275 -5.60 16.93 -2.60
N HIS A 276 -6.80 16.74 -2.04
CA HIS A 276 -7.93 17.59 -2.39
C HIS A 276 -7.70 19.03 -1.94
N PRO A 277 -8.02 20.02 -2.80
CA PRO A 277 -7.89 21.44 -2.43
C PRO A 277 -8.53 21.83 -1.10
N PHE A 278 -9.66 21.22 -0.72
CA PHE A 278 -10.24 21.53 0.56
C PHE A 278 -9.24 21.31 1.69
N LEU A 279 -8.36 20.32 1.60
CA LEU A 279 -7.46 20.02 2.68
C LEU A 279 -6.23 20.90 2.71
N ASP A 280 -6.00 21.74 1.69
CA ASP A 280 -5.13 22.90 1.87
C ASP A 280 -5.84 23.92 2.76
N THR B 9 3.29 -17.13 -39.33
CA THR B 9 2.39 -16.14 -38.66
C THR B 9 1.40 -16.83 -37.73
N GLU B 10 1.64 -16.68 -36.42
CA GLU B 10 0.68 -17.09 -35.42
C GLU B 10 -0.14 -15.86 -34.99
N THR B 11 -1.34 -16.11 -34.46
CA THR B 11 -2.18 -15.03 -33.97
C THR B 11 -2.52 -15.28 -32.50
N VAL B 12 -2.77 -14.18 -31.79
CA VAL B 12 -3.14 -14.17 -30.39
C VAL B 12 -4.08 -12.98 -30.25
N GLY B 13 -5.37 -13.25 -30.13
CA GLY B 13 -6.35 -12.17 -30.10
C GLY B 13 -6.22 -11.27 -31.31
N LYS B 14 -6.12 -9.96 -31.06
CA LYS B 14 -6.00 -8.94 -32.08
C LYS B 14 -4.55 -8.74 -32.53
N PHE B 15 -3.66 -9.72 -32.27
CA PHE B 15 -2.23 -9.53 -32.46
C PHE B 15 -1.68 -10.70 -33.23
N GLU B 16 -0.50 -10.50 -33.84
CA GLU B 16 0.17 -11.57 -34.55
C GLU B 16 1.68 -11.37 -34.51
N PHE B 17 2.37 -12.48 -34.72
CA PHE B 17 3.80 -12.46 -34.77
C PHE B 17 4.28 -13.65 -35.59
N SER B 18 5.53 -13.56 -36.04
CA SER B 18 6.24 -14.69 -36.61
C SER B 18 7.45 -15.01 -35.75
N ARG B 19 7.76 -16.31 -35.64
CA ARG B 19 8.88 -16.80 -34.87
C ARG B 19 10.20 -16.57 -35.61
N LYS B 20 10.17 -15.85 -36.73
CA LYS B 20 11.42 -15.47 -37.38
C LYS B 20 11.94 -14.21 -36.71
N ASP B 21 11.05 -13.41 -36.11
CA ASP B 21 11.42 -12.14 -35.49
C ASP B 21 11.73 -12.29 -33.99
N LEU B 22 12.75 -13.09 -33.65
CA LEU B 22 13.16 -13.31 -32.26
C LEU B 22 13.70 -12.01 -31.67
N ILE B 23 13.33 -11.72 -30.41
CA ILE B 23 13.88 -10.62 -29.61
C ILE B 23 14.92 -11.17 -28.65
N GLY B 24 14.64 -12.32 -28.04
CA GLY B 24 15.58 -13.03 -27.20
C GLY B 24 14.90 -14.24 -26.54
N HIS B 25 15.72 -15.11 -25.95
CA HIS B 25 15.22 -16.32 -25.35
C HIS B 25 16.06 -16.64 -24.13
N GLY B 26 15.61 -16.11 -22.99
CA GLY B 26 15.98 -16.61 -21.67
C GLY B 26 15.38 -17.99 -21.36
N ALA B 27 15.69 -18.47 -20.15
CA ALA B 27 15.44 -19.85 -19.76
C ALA B 27 13.94 -20.11 -19.55
N PHE B 28 13.16 -19.07 -19.26
CA PHE B 28 11.78 -19.25 -18.84
C PHE B 28 10.80 -18.56 -19.78
N ALA B 29 11.32 -17.95 -20.85
CA ALA B 29 10.46 -17.34 -21.84
C ALA B 29 11.23 -17.13 -23.14
N VAL B 30 10.54 -17.29 -24.27
CA VAL B 30 11.07 -16.85 -25.55
C VAL B 30 10.17 -15.74 -26.07
N VAL B 31 10.80 -14.68 -26.60
CA VAL B 31 10.08 -13.47 -26.91
C VAL B 31 10.30 -13.13 -28.38
N PHE B 32 9.20 -12.77 -29.05
CA PHE B 32 9.19 -12.45 -30.47
C PHE B 32 8.53 -11.10 -30.68
N LYS B 33 8.96 -10.43 -31.74
CA LYS B 33 8.36 -9.16 -32.15
C LYS B 33 7.09 -9.46 -32.97
N GLY B 34 6.07 -8.63 -32.83
CA GLY B 34 4.84 -8.84 -33.55
C GLY B 34 4.11 -7.52 -33.67
N ARG B 35 2.83 -7.57 -34.04
CA ARG B 35 2.08 -6.34 -34.23
C ARG B 35 0.60 -6.60 -34.07
N HIS B 36 -0.14 -5.50 -33.98
CA HIS B 36 -1.60 -5.54 -34.01
C HIS B 36 -2.05 -5.89 -35.43
N ARG B 37 -3.18 -6.60 -35.55
CA ARG B 37 -3.64 -7.15 -36.82
C ARG B 37 -4.35 -6.11 -37.69
N GLU B 38 -4.95 -5.10 -37.08
CA GLU B 38 -5.47 -3.93 -37.76
C GLU B 38 -4.40 -2.87 -37.94
N LYS B 39 -3.82 -2.44 -36.81
CA LYS B 39 -2.87 -1.34 -36.78
C LYS B 39 -1.45 -1.93 -36.81
N HIS B 40 -0.94 -2.11 -38.04
CA HIS B 40 0.28 -2.83 -38.29
C HIS B 40 1.52 -2.11 -37.76
N ASP B 41 1.38 -0.80 -37.48
CA ASP B 41 2.49 -0.01 -36.96
C ASP B 41 2.54 -0.06 -35.43
N LEU B 42 1.51 -0.62 -34.76
CA LEU B 42 1.59 -0.89 -33.32
C LEU B 42 2.40 -2.17 -33.09
N GLU B 43 3.64 -1.97 -32.63
CA GLU B 43 4.53 -3.09 -32.40
C GLU B 43 4.26 -3.62 -30.99
N VAL B 44 4.51 -4.92 -30.82
CA VAL B 44 4.35 -5.57 -29.54
C VAL B 44 5.45 -6.59 -29.44
N ALA B 45 5.63 -7.07 -28.22
CA ALA B 45 6.48 -8.22 -27.99
C ALA B 45 5.59 -9.35 -27.49
N VAL B 46 5.85 -10.57 -27.94
CA VAL B 46 5.01 -11.68 -27.54
C VAL B 46 5.90 -12.68 -26.83
N LYS B 47 5.52 -12.98 -25.59
CA LYS B 47 6.27 -13.86 -24.71
C LYS B 47 5.61 -15.26 -24.73
N CYS B 48 6.43 -16.30 -24.92
CA CYS B 48 5.98 -17.67 -25.09
C CYS B 48 6.75 -18.59 -24.16
N ILE B 49 6.18 -19.77 -23.93
CA ILE B 49 6.83 -20.77 -23.10
C ILE B 49 8.18 -21.16 -23.73
N ASN B 50 9.19 -21.37 -22.90
CA ASN B 50 10.41 -22.02 -23.33
C ASN B 50 10.30 -23.50 -23.00
N LYS B 51 10.13 -24.33 -24.04
CA LYS B 51 9.82 -25.75 -23.85
C LYS B 51 10.98 -26.50 -23.21
N LYS B 52 12.19 -25.95 -23.24
CA LYS B 52 13.29 -26.57 -22.51
C LYS B 52 12.99 -26.61 -21.01
N ASN B 53 12.16 -25.70 -20.51
CA ASN B 53 11.81 -25.63 -19.09
C ASN B 53 10.31 -25.45 -18.93
N LEU B 54 9.55 -26.40 -19.43
CA LEU B 54 8.15 -26.18 -19.76
C LEU B 54 7.37 -25.82 -18.50
N ALA B 55 7.46 -26.67 -17.47
CA ALA B 55 6.59 -26.55 -16.31
C ALA B 55 6.86 -25.21 -15.62
N LYS B 56 8.15 -24.91 -15.39
CA LYS B 56 8.53 -23.70 -14.69
C LYS B 56 8.21 -22.47 -15.53
N SER B 57 8.47 -22.55 -16.85
CA SER B 57 8.19 -21.46 -17.79
C SER B 57 6.71 -21.14 -17.77
N GLN B 58 5.89 -22.18 -17.78
CA GLN B 58 4.45 -22.02 -17.75
C GLN B 58 3.99 -21.40 -16.43
N THR B 59 4.54 -21.85 -15.31
CA THR B 59 4.20 -21.26 -14.02
C THR B 59 4.54 -19.76 -13.98
N LEU B 60 5.76 -19.40 -14.43
CA LEU B 60 6.24 -18.04 -14.30
C LEU B 60 5.43 -17.11 -15.19
N LEU B 61 5.15 -17.55 -16.42
CA LEU B 61 4.36 -16.71 -17.33
C LEU B 61 2.93 -16.55 -16.79
N GLY B 62 2.34 -17.62 -16.23
CA GLY B 62 1.05 -17.53 -15.55
C GLY B 62 1.05 -16.53 -14.40
N LYS B 63 2.11 -16.56 -13.57
CA LYS B 63 2.21 -15.63 -12.46
C LYS B 63 2.34 -14.19 -12.98
N GLU B 64 3.10 -14.02 -14.05
CA GLU B 64 3.30 -12.71 -14.64
C GLU B 64 1.97 -12.12 -15.11
N ILE B 65 1.12 -12.93 -15.72
CA ILE B 65 -0.20 -12.46 -16.14
C ILE B 65 -0.99 -11.93 -14.93
N LYS B 66 -0.98 -12.71 -13.85
CA LYS B 66 -1.77 -12.39 -12.66
C LYS B 66 -1.38 -11.02 -12.10
N ILE B 67 -0.06 -10.75 -12.07
CA ILE B 67 0.45 -9.50 -11.52
C ILE B 67 0.25 -8.36 -12.50
N LEU B 68 0.66 -8.54 -13.76
CA LEU B 68 0.67 -7.44 -14.71
C LEU B 68 -0.72 -6.98 -15.12
N LYS B 69 -1.73 -7.86 -15.08
CA LYS B 69 -3.04 -7.40 -15.51
C LYS B 69 -3.57 -6.38 -14.51
N GLU B 70 -2.90 -6.23 -13.35
CA GLU B 70 -3.32 -5.26 -12.36
C GLU B 70 -2.48 -3.98 -12.36
N LEU B 71 -1.45 -3.89 -13.21
CA LEU B 71 -0.49 -2.80 -13.16
C LEU B 71 -0.48 -2.02 -14.47
N LYS B 72 -0.90 -0.76 -14.42
CA LYS B 72 -0.78 0.12 -15.58
C LYS B 72 0.10 1.28 -15.17
N HIS B 73 1.30 1.39 -15.74
CA HIS B 73 2.13 2.55 -15.41
C HIS B 73 3.12 2.77 -16.54
N GLU B 74 3.49 4.03 -16.75
CA GLU B 74 4.42 4.43 -17.80
C GLU B 74 5.78 3.74 -17.63
N ASN B 75 6.16 3.34 -16.41
CA ASN B 75 7.51 2.81 -16.19
C ASN B 75 7.48 1.31 -15.88
N ILE B 76 6.37 0.64 -16.23
CA ILE B 76 6.24 -0.81 -16.17
C ILE B 76 5.78 -1.31 -17.53
N VAL B 77 6.49 -2.30 -18.09
CA VAL B 77 6.12 -2.86 -19.36
C VAL B 77 4.66 -3.31 -19.32
N ALA B 78 3.84 -2.78 -20.26
CA ALA B 78 2.41 -2.96 -20.22
C ALA B 78 2.07 -4.31 -20.83
N LEU B 79 1.10 -5.02 -20.21
CA LEU B 79 0.52 -6.23 -20.76
C LEU B 79 -0.75 -5.83 -21.52
N TYR B 80 -0.70 -5.99 -22.84
CA TYR B 80 -1.83 -5.60 -23.68
C TYR B 80 -2.89 -6.69 -23.70
N ASP B 81 -2.46 -7.95 -23.82
CA ASP B 81 -3.37 -9.06 -23.79
C ASP B 81 -2.55 -10.30 -23.49
N PHE B 82 -3.25 -11.42 -23.39
CA PHE B 82 -2.64 -12.67 -23.01
C PHE B 82 -3.59 -13.78 -23.43
N GLN B 83 -3.06 -14.98 -23.51
CA GLN B 83 -3.87 -16.14 -23.77
C GLN B 83 -3.29 -17.32 -23.01
N GLU B 84 -4.06 -17.79 -22.03
CA GLU B 84 -3.69 -18.91 -21.20
C GLU B 84 -4.60 -20.12 -21.45
N MET B 85 -3.98 -21.31 -21.56
CA MET B 85 -4.67 -22.55 -21.79
C MET B 85 -3.96 -23.62 -20.96
N ALA B 86 -4.41 -24.88 -20.99
CA ALA B 86 -3.79 -25.85 -20.11
C ALA B 86 -2.33 -26.05 -20.48
N ASN B 87 -1.99 -26.03 -21.78
CA ASN B 87 -0.64 -26.40 -22.16
C ASN B 87 0.09 -25.29 -22.91
N SER B 88 -0.42 -24.06 -22.89
CA SER B 88 0.28 -22.98 -23.55
C SER B 88 -0.09 -21.65 -22.90
N VAL B 89 0.84 -20.70 -23.03
CA VAL B 89 0.63 -19.36 -22.49
C VAL B 89 1.32 -18.33 -23.37
N TYR B 90 0.64 -17.22 -23.66
CA TYR B 90 1.20 -16.13 -24.42
C TYR B 90 0.91 -14.84 -23.70
N LEU B 91 1.90 -13.95 -23.64
CA LEU B 91 1.66 -12.59 -23.21
C LEU B 91 1.96 -11.66 -24.38
N VAL B 92 1.07 -10.71 -24.59
CA VAL B 92 1.30 -9.65 -25.55
C VAL B 92 1.58 -8.35 -24.78
N MET B 93 2.79 -7.83 -25.00
CA MET B 93 3.36 -6.77 -24.20
C MET B 93 3.84 -5.63 -25.09
N GLU B 94 3.92 -4.45 -24.47
CA GLU B 94 4.58 -3.27 -24.99
C GLU B 94 5.98 -3.64 -25.47
N TYR B 95 6.30 -3.20 -26.69
CA TYR B 95 7.63 -3.45 -27.26
C TYR B 95 8.57 -2.36 -26.75
N CYS B 96 9.75 -2.75 -26.25
CA CYS B 96 10.74 -1.80 -25.78
C CYS B 96 11.94 -1.82 -26.74
N ASN B 97 12.05 -0.78 -27.59
CA ASN B 97 12.97 -0.78 -28.74
C ASN B 97 14.43 -0.58 -28.31
N GLY B 98 14.66 -0.16 -27.05
CA GLY B 98 15.99 0.21 -26.59
C GLY B 98 16.79 -0.94 -25.99
N GLY B 99 16.21 -2.14 -25.92
CA GLY B 99 16.88 -3.21 -25.20
C GLY B 99 16.81 -3.00 -23.67
N ASP B 100 17.78 -3.61 -22.98
CA ASP B 100 17.86 -3.59 -21.54
C ASP B 100 18.98 -2.68 -21.03
N LEU B 101 18.88 -2.37 -19.74
CA LEU B 101 19.86 -1.54 -19.07
C LEU B 101 21.20 -2.25 -19.06
N ALA B 102 21.22 -3.58 -18.97
CA ALA B 102 22.49 -4.30 -18.92
C ALA B 102 23.36 -3.98 -20.15
N ASP B 103 22.73 -3.98 -21.34
CA ASP B 103 23.45 -3.71 -22.59
C ASP B 103 23.91 -2.26 -22.63
N TYR B 104 23.04 -1.35 -22.19
CA TYR B 104 23.38 0.06 -22.15
C TYR B 104 24.59 0.29 -21.25
N LEU B 105 24.61 -0.31 -20.05
CA LEU B 105 25.75 -0.19 -19.14
CA LEU B 105 25.74 -0.20 -19.14
C LEU B 105 27.00 -0.78 -19.78
N HIS B 106 26.86 -1.93 -20.45
CA HIS B 106 28.01 -2.57 -21.06
C HIS B 106 28.66 -1.63 -22.08
N ALA B 107 27.85 -0.79 -22.74
CA ALA B 107 28.34 0.08 -23.79
C ALA B 107 28.87 1.38 -23.21
N MET B 108 28.16 1.93 -22.20
CA MET B 108 28.55 3.19 -21.60
C MET B 108 29.66 2.96 -20.58
N ARG B 109 29.80 1.76 -20.03
CA ARG B 109 30.72 1.45 -18.93
C ARG B 109 30.18 1.98 -17.60
N THR B 110 29.90 3.28 -17.52
CA THR B 110 29.33 3.85 -16.31
C THR B 110 28.46 4.99 -16.78
N LEU B 111 27.58 5.47 -15.89
CA LEU B 111 26.63 6.51 -16.23
C LEU B 111 26.95 7.70 -15.35
N SER B 112 26.63 8.88 -15.86
CA SER B 112 26.76 10.08 -15.07
C SER B 112 25.70 10.07 -13.97
N GLU B 113 25.90 10.91 -12.96
CA GLU B 113 24.91 11.03 -11.90
C GLU B 113 23.58 11.54 -12.43
N ASP B 114 23.62 12.45 -13.41
CA ASP B 114 22.43 13.02 -14.00
C ASP B 114 21.57 11.93 -14.66
N THR B 115 22.23 11.01 -15.39
CA THR B 115 21.55 9.93 -16.05
C THR B 115 20.98 8.95 -15.01
N ILE B 116 21.77 8.64 -13.99
CA ILE B 116 21.36 7.74 -12.92
C ILE B 116 20.10 8.31 -12.31
N ARG B 117 20.13 9.61 -12.05
CA ARG B 117 19.00 10.28 -11.45
C ARG B 117 17.76 10.18 -12.34
N LEU B 118 17.91 10.40 -13.65
CA LEU B 118 16.76 10.36 -14.55
C LEU B 118 16.15 8.96 -14.52
N PHE B 119 16.99 7.93 -14.61
CA PHE B 119 16.52 6.54 -14.62
C PHE B 119 15.95 6.16 -13.25
N LEU B 120 16.56 6.63 -12.16
CA LEU B 120 16.12 6.24 -10.84
C LEU B 120 14.80 6.93 -10.51
N GLN B 121 14.55 8.14 -11.02
CA GLN B 121 13.25 8.78 -10.83
C GLN B 121 12.12 7.94 -11.42
N GLN B 122 12.39 7.31 -12.55
CA GLN B 122 11.39 6.50 -13.24
C GLN B 122 11.21 5.16 -12.50
N ILE B 123 12.30 4.50 -12.11
CA ILE B 123 12.20 3.28 -11.32
C ILE B 123 11.40 3.55 -10.04
N ALA B 124 11.67 4.67 -9.39
CA ALA B 124 10.98 5.02 -8.16
C ALA B 124 9.48 5.19 -8.39
N GLY B 125 9.10 5.75 -9.54
CA GLY B 125 7.69 5.95 -9.88
C GLY B 125 7.01 4.59 -10.00
N ALA B 126 7.66 3.65 -10.65
CA ALA B 126 7.12 2.31 -10.76
C ALA B 126 7.00 1.65 -9.37
N MET B 127 8.04 1.83 -8.54
CA MET B 127 8.09 1.18 -7.24
C MET B 127 7.03 1.75 -6.33
N ARG B 128 6.67 3.02 -6.53
CA ARG B 128 5.61 3.64 -5.77
C ARG B 128 4.29 2.91 -6.05
N LEU B 129 4.05 2.54 -7.31
CA LEU B 129 2.85 1.80 -7.63
C LEU B 129 2.92 0.39 -7.03
N LEU B 130 4.02 -0.35 -7.26
CA LEU B 130 4.16 -1.67 -6.66
C LEU B 130 3.91 -1.62 -5.15
N HIS B 131 4.54 -0.68 -4.46
CA HIS B 131 4.43 -0.61 -3.02
C HIS B 131 2.99 -0.33 -2.65
N SER B 132 2.31 0.57 -3.37
CA SER B 132 0.93 0.90 -3.02
C SER B 132 0.02 -0.30 -3.30
N LYS B 133 0.36 -1.16 -4.25
CA LYS B 133 -0.47 -2.33 -4.47
C LYS B 133 -0.08 -3.53 -3.59
N GLY B 134 1.02 -3.45 -2.84
CA GLY B 134 1.43 -4.55 -1.99
C GLY B 134 2.15 -5.66 -2.74
N ILE B 135 2.84 -5.29 -3.83
CA ILE B 135 3.56 -6.23 -4.68
C ILE B 135 5.07 -6.03 -4.56
N ILE B 136 5.80 -7.14 -4.40
CA ILE B 136 7.25 -7.15 -4.44
C ILE B 136 7.72 -7.88 -5.71
N HIS B 137 8.75 -7.34 -6.39
CA HIS B 137 9.16 -7.84 -7.69
C HIS B 137 10.03 -9.08 -7.61
N ARG B 138 11.08 -8.96 -6.77
CA ARG B 138 11.98 -10.02 -6.35
C ARG B 138 12.99 -10.44 -7.42
N ASP B 139 13.08 -9.77 -8.59
CA ASP B 139 14.15 -10.08 -9.51
C ASP B 139 14.60 -8.82 -10.25
N LEU B 140 14.74 -7.71 -9.54
CA LEU B 140 15.21 -6.48 -10.14
C LEU B 140 16.72 -6.61 -10.43
N LYS B 141 17.08 -6.35 -11.68
CA LYS B 141 18.45 -6.39 -12.15
C LYS B 141 18.47 -5.75 -13.53
N PRO B 142 19.65 -5.34 -14.05
CA PRO B 142 19.70 -4.56 -15.30
C PRO B 142 19.10 -5.29 -16.51
N GLN B 143 19.16 -6.63 -16.50
CA GLN B 143 18.55 -7.43 -17.54
C GLN B 143 17.03 -7.29 -17.54
N ASN B 144 16.43 -6.81 -16.43
CA ASN B 144 14.97 -6.75 -16.31
C ASN B 144 14.50 -5.31 -16.29
N ILE B 145 15.40 -4.40 -16.61
CA ILE B 145 15.00 -3.01 -16.78
C ILE B 145 15.16 -2.71 -18.26
N LEU B 146 14.09 -2.31 -18.94
CA LEU B 146 14.11 -2.16 -20.38
C LEU B 146 14.03 -0.68 -20.72
N LEU B 147 14.57 -0.35 -21.90
CA LEU B 147 14.66 1.03 -22.34
CA LEU B 147 14.70 1.02 -22.37
C LEU B 147 13.80 1.20 -23.60
N SER B 148 13.14 2.35 -23.64
CA SER B 148 12.32 2.69 -24.78
C SER B 148 12.65 4.12 -25.19
N ASN B 149 12.85 4.32 -26.49
CA ASN B 149 13.22 5.62 -27.08
C ASN B 149 12.05 6.11 -27.93
N PRO B 150 11.30 7.16 -27.53
CA PRO B 150 10.23 7.72 -28.36
C PRO B 150 10.73 8.72 -29.41
N ALA B 155 18.41 9.07 -29.73
CA ALA B 155 18.53 10.35 -29.01
C ALA B 155 19.23 10.12 -27.65
N ASN B 156 19.03 11.04 -26.70
CA ASN B 156 19.92 11.21 -25.56
C ASN B 156 19.27 10.64 -24.29
N PRO B 157 20.07 10.40 -23.22
CA PRO B 157 19.54 10.08 -21.88
C PRO B 157 18.26 10.73 -21.38
N ASN B 158 18.02 12.01 -21.72
CA ASN B 158 16.84 12.73 -21.30
C ASN B 158 15.55 12.18 -21.89
N SER B 159 15.63 11.53 -23.05
CA SER B 159 14.44 11.13 -23.75
C SER B 159 14.20 9.65 -23.52
N ILE B 160 15.15 8.96 -22.86
CA ILE B 160 15.02 7.52 -22.65
C ILE B 160 13.99 7.24 -21.56
N ARG B 161 13.11 6.26 -21.78
CA ARG B 161 12.08 5.87 -20.82
C ARG B 161 12.43 4.48 -20.30
N VAL B 162 12.48 4.36 -18.97
CA VAL B 162 12.84 3.06 -18.39
CA VAL B 162 12.85 3.11 -18.29
C VAL B 162 11.57 2.36 -17.93
N LYS B 163 11.56 1.06 -18.14
CA LYS B 163 10.40 0.23 -17.83
C LYS B 163 10.84 -1.05 -17.10
N ILE B 164 10.21 -1.34 -15.96
CA ILE B 164 10.47 -2.59 -15.27
C ILE B 164 9.72 -3.73 -15.97
N ALA B 165 10.42 -4.84 -16.17
CA ALA B 165 9.87 -6.02 -16.80
C ALA B 165 10.13 -7.24 -15.91
N ASP B 166 9.56 -8.38 -16.32
CA ASP B 166 9.88 -9.71 -15.81
C ASP B 166 9.34 -9.88 -14.38
N PHE B 167 8.01 -9.97 -14.28
CA PHE B 167 7.28 -10.09 -13.03
C PHE B 167 6.97 -11.54 -12.65
N GLY B 168 7.63 -12.52 -13.26
CA GLY B 168 7.34 -13.92 -13.01
C GLY B 168 7.59 -14.37 -11.57
N PHE B 169 8.50 -13.71 -10.85
CA PHE B 169 8.81 -14.06 -9.46
C PHE B 169 8.06 -13.17 -8.47
N ALA B 170 7.28 -12.19 -8.98
CA ALA B 170 6.63 -11.24 -8.11
C ALA B 170 5.50 -11.90 -7.32
N ARG B 171 5.13 -11.29 -6.19
CA ARG B 171 4.04 -11.77 -5.37
C ARG B 171 3.42 -10.58 -4.62
N TYR B 172 2.14 -10.72 -4.29
CA TYR B 172 1.50 -9.93 -3.26
C TYR B 172 2.09 -10.35 -1.92
N LEU B 173 2.38 -9.38 -1.06
CA LEU B 173 2.79 -9.67 0.30
C LEU B 173 1.97 -8.76 1.19
N GLN B 174 1.18 -9.30 2.08
CA GLN B 174 0.38 -8.47 2.95
C GLN B 174 1.35 -7.74 3.89
N SER B 175 0.97 -6.53 4.30
CA SER B 175 1.91 -5.63 4.97
C SER B 175 2.34 -6.16 6.35
N ASN B 176 1.58 -7.07 7.00
CA ASN B 176 2.04 -7.64 8.24
C ASN B 176 2.64 -9.04 8.05
N MET B 177 3.05 -9.43 6.84
CA MET B 177 3.55 -10.78 6.61
CA MET B 177 3.56 -10.77 6.63
C MET B 177 4.97 -10.69 6.05
N MET B 178 5.69 -11.81 6.04
CA MET B 178 7.01 -11.87 5.43
CA MET B 178 6.99 -11.84 5.39
C MET B 178 7.01 -12.99 4.40
N ALA B 179 7.81 -12.80 3.34
CA ALA B 179 8.06 -13.83 2.35
C ALA B 179 9.30 -14.64 2.73
N ALA B 180 9.42 -15.85 2.17
CA ALA B 180 10.62 -16.64 2.42
C ALA B 180 11.06 -17.46 1.22
N LEU B 182 13.12 -18.47 -1.87
CA LEU B 182 14.44 -18.14 -2.38
C LEU B 182 14.32 -17.99 -3.88
N CYS B 183 14.34 -16.75 -4.38
CA CYS B 183 14.29 -16.50 -5.81
C CYS B 183 14.99 -15.17 -6.06
N GLY B 184 15.27 -14.85 -7.32
CA GLY B 184 16.08 -13.70 -7.68
C GLY B 184 17.46 -14.10 -8.20
N SER B 185 18.33 -13.14 -8.41
CA SER B 185 19.64 -13.38 -8.97
C SER B 185 20.69 -13.05 -7.90
N PRO B 186 21.56 -14.01 -7.50
CA PRO B 186 22.41 -13.85 -6.32
C PRO B 186 23.13 -12.51 -6.19
N MET B 187 23.64 -11.99 -7.31
CA MET B 187 24.35 -10.71 -7.28
C MET B 187 23.44 -9.55 -6.83
N TYR B 188 22.12 -9.67 -7.03
CA TYR B 188 21.20 -8.56 -6.76
C TYR B 188 20.32 -8.85 -5.53
N MET B 189 20.48 -10.03 -4.93
CA MET B 189 19.63 -10.46 -3.84
C MET B 189 20.02 -9.71 -2.56
N ALA B 190 19.04 -9.26 -1.79
CA ALA B 190 19.28 -8.76 -0.44
C ALA B 190 19.89 -9.87 0.43
N PRO B 191 20.79 -9.52 1.37
CA PRO B 191 21.38 -10.48 2.28
C PRO B 191 20.35 -11.43 2.92
N GLU B 192 19.23 -10.89 3.40
CA GLU B 192 18.22 -11.71 4.05
C GLU B 192 17.66 -12.73 3.06
N VAL B 193 17.57 -12.36 1.78
CA VAL B 193 17.05 -13.31 0.82
C VAL B 193 18.04 -14.47 0.65
N ILE B 194 19.30 -14.14 0.36
CA ILE B 194 20.25 -15.18 -0.03
C ILE B 194 20.64 -16.01 1.20
N MET B 195 20.50 -15.45 2.42
CA MET B 195 20.71 -16.21 3.64
C MET B 195 19.46 -17.01 4.06
N SER B 196 18.41 -17.09 3.22
CA SER B 196 17.24 -17.90 3.50
C SER B 196 16.53 -17.44 4.76
N GLN B 197 16.53 -16.13 5.01
CA GLN B 197 15.71 -15.59 6.07
C GLN B 197 14.37 -15.08 5.51
N HIS B 198 13.50 -14.64 6.42
CA HIS B 198 12.26 -13.98 6.04
C HIS B 198 12.60 -12.62 5.47
N TYR B 199 11.82 -12.13 4.50
CA TYR B 199 12.06 -10.81 3.98
C TYR B 199 10.76 -10.13 3.60
N ASP B 200 10.87 -8.84 3.26
CA ASP B 200 9.71 -8.05 2.88
C ASP B 200 10.10 -7.20 1.66
N GLY B 201 9.35 -6.13 1.42
CA GLY B 201 9.53 -5.29 0.24
C GLY B 201 10.84 -4.51 0.25
N LYS B 202 11.52 -4.46 1.41
CA LYS B 202 12.82 -3.78 1.43
C LYS B 202 13.90 -4.57 0.71
N ALA B 203 13.65 -5.86 0.46
CA ALA B 203 14.60 -6.64 -0.32
C ALA B 203 14.80 -5.98 -1.68
N ASP B 204 13.73 -5.49 -2.30
CA ASP B 204 13.79 -4.88 -3.62
C ASP B 204 14.64 -3.61 -3.55
N LEU B 205 14.59 -2.88 -2.41
CA LEU B 205 15.34 -1.65 -2.31
C LEU B 205 16.86 -1.92 -2.31
N TRP B 206 17.29 -3.04 -1.73
CA TRP B 206 18.67 -3.48 -1.83
C TRP B 206 19.04 -3.73 -3.30
N SER B 207 18.20 -4.46 -4.01
CA SER B 207 18.42 -4.72 -5.42
C SER B 207 18.63 -3.41 -6.18
N ILE B 208 17.78 -2.41 -5.89
CA ILE B 208 17.85 -1.12 -6.55
C ILE B 208 19.16 -0.41 -6.20
N GLY B 209 19.54 -0.42 -4.92
CA GLY B 209 20.82 0.12 -4.51
C GLY B 209 21.97 -0.51 -5.28
N THR B 210 21.90 -1.82 -5.48
CA THR B 210 22.90 -2.58 -6.22
C THR B 210 22.98 -2.10 -7.67
N ILE B 211 21.82 -1.95 -8.30
CA ILE B 211 21.77 -1.48 -9.67
C ILE B 211 22.40 -0.09 -9.77
N VAL B 212 22.01 0.82 -8.86
CA VAL B 212 22.47 2.20 -8.88
C VAL B 212 23.98 2.24 -8.69
N TYR B 213 24.50 1.47 -7.74
CA TYR B 213 25.94 1.36 -7.52
C TYR B 213 26.67 0.83 -8.77
N GLN B 214 26.07 -0.14 -9.42
CA GLN B 214 26.66 -0.70 -10.62
C GLN B 214 26.67 0.36 -11.75
N CYS B 215 25.61 1.17 -11.89
CA CYS B 215 25.57 2.24 -12.86
C CYS B 215 26.70 3.25 -12.60
N LEU B 216 26.99 3.51 -11.30
CA LEU B 216 27.91 4.54 -10.91
C LEU B 216 29.35 4.10 -11.16
N THR B 217 29.68 2.85 -10.82
CA THR B 217 31.04 2.37 -10.72
C THR B 217 31.37 1.30 -11.73
N GLY B 218 30.35 0.70 -12.34
CA GLY B 218 30.55 -0.39 -13.29
C GLY B 218 30.75 -1.73 -12.61
N LYS B 219 30.67 -1.80 -11.27
CA LYS B 219 30.84 -3.07 -10.57
C LYS B 219 29.75 -3.26 -9.51
N ALA B 220 29.64 -4.50 -9.06
CA ALA B 220 28.76 -4.89 -7.95
C ALA B 220 29.40 -4.38 -6.67
N PRO B 221 28.63 -3.94 -5.66
CA PRO B 221 29.23 -3.44 -4.42
C PRO B 221 29.93 -4.52 -3.62
N PHE B 222 29.46 -5.76 -3.75
CA PHE B 222 30.01 -6.87 -3.00
C PHE B 222 30.26 -8.03 -3.98
N GLN B 223 31.49 -8.15 -4.47
CA GLN B 223 31.84 -9.15 -5.47
C GLN B 223 32.21 -10.45 -4.78
N ALA B 224 31.85 -11.60 -5.34
CA ALA B 224 32.34 -12.88 -4.85
C ALA B 224 32.47 -13.87 -6.00
N SER B 225 33.06 -15.05 -5.75
CA SER B 225 33.36 -15.99 -6.82
C SER B 225 32.17 -16.89 -7.12
N SER B 226 31.29 -17.11 -6.13
CA SER B 226 30.08 -17.86 -6.35
C SER B 226 28.95 -17.36 -5.45
N PRO B 227 27.68 -17.70 -5.77
CA PRO B 227 26.56 -17.43 -4.86
C PRO B 227 26.82 -17.86 -3.42
N GLN B 228 27.36 -19.07 -3.25
CA GLN B 228 27.62 -19.60 -1.93
C GLN B 228 28.65 -18.73 -1.20
N ASP B 229 29.64 -18.25 -1.94
CA ASP B 229 30.67 -17.37 -1.38
C ASP B 229 30.06 -16.06 -0.91
N LEU B 230 29.18 -15.48 -1.75
CA LEU B 230 28.53 -14.23 -1.42
C LEU B 230 27.70 -14.42 -0.15
N ARG B 231 26.98 -15.55 -0.05
CA ARG B 231 26.16 -15.86 1.11
CA ARG B 231 26.17 -15.85 1.11
C ARG B 231 27.03 -15.88 2.37
N LEU B 232 28.13 -16.64 2.32
CA LEU B 232 29.05 -16.74 3.44
C LEU B 232 29.61 -15.37 3.81
N PHE B 233 29.99 -14.58 2.81
CA PHE B 233 30.41 -13.21 3.10
C PHE B 233 29.36 -12.44 3.92
N TYR B 234 28.08 -12.47 3.51
CA TYR B 234 27.06 -11.71 4.24
C TYR B 234 26.85 -12.29 5.64
N GLU B 235 26.93 -13.62 5.74
CA GLU B 235 26.74 -14.29 7.04
C GLU B 235 27.79 -13.81 8.05
N LYS B 236 29.03 -13.63 7.61
CA LYS B 236 30.08 -13.36 8.60
C LYS B 236 30.29 -11.85 8.80
N ASN B 237 29.69 -10.99 7.99
CA ASN B 237 29.89 -9.55 8.15
C ASN B 237 28.60 -8.89 8.58
N LYS B 238 28.48 -8.58 9.86
CA LYS B 238 27.27 -7.94 10.41
C LYS B 238 27.23 -6.45 10.09
N THR B 239 28.40 -5.81 9.95
CA THR B 239 28.52 -4.47 9.43
C THR B 239 29.09 -4.56 8.03
N LEU B 240 28.28 -4.11 7.07
CA LEU B 240 28.60 -4.11 5.66
C LEU B 240 28.56 -2.66 5.21
N VAL B 241 29.61 -2.22 4.54
CA VAL B 241 29.69 -0.85 4.07
C VAL B 241 30.23 -0.92 2.66
N PRO B 242 29.45 -0.48 1.66
CA PRO B 242 29.95 -0.43 0.30
C PRO B 242 31.01 0.65 0.17
N THR B 243 31.95 0.42 -0.75
CA THR B 243 33.00 1.32 -1.22
C THR B 243 32.44 2.39 -2.15
N ILE B 244 32.35 3.63 -1.72
CA ILE B 244 31.83 4.68 -2.58
C ILE B 244 32.95 5.65 -2.98
N PRO B 245 33.17 5.90 -4.31
CA PRO B 245 34.21 6.82 -4.75
C PRO B 245 34.03 8.21 -4.12
N ALA B 246 35.17 8.89 -3.92
CA ALA B 246 35.21 10.12 -3.16
C ALA B 246 34.48 11.22 -3.91
N ALA B 247 34.55 11.19 -5.25
CA ALA B 247 33.93 12.22 -6.06
C ALA B 247 32.40 12.13 -6.07
N THR B 248 31.80 11.01 -5.63
CA THR B 248 30.35 10.88 -5.61
C THR B 248 29.72 12.04 -4.86
N SER B 249 28.61 12.57 -5.37
CA SER B 249 27.93 13.68 -4.70
C SER B 249 27.40 13.21 -3.36
N ALA B 250 27.21 14.16 -2.44
CA ALA B 250 26.79 13.83 -1.08
C ALA B 250 25.42 13.13 -1.08
N PRO B 251 24.39 13.64 -1.78
CA PRO B 251 23.09 12.96 -1.80
C PRO B 251 23.18 11.55 -2.40
N LEU B 252 23.98 11.32 -3.47
CA LEU B 252 24.03 9.97 -4.01
C LEU B 252 24.73 9.02 -3.05
N ARG B 253 25.78 9.50 -2.35
CA ARG B 253 26.51 8.66 -1.40
C ARG B 253 25.57 8.28 -0.27
N GLN B 254 24.80 9.25 0.22
CA GLN B 254 23.92 9.01 1.33
C GLN B 254 22.82 7.99 0.92
N LEU B 255 22.28 8.15 -0.29
CA LEU B 255 21.27 7.22 -0.80
C LEU B 255 21.83 5.80 -0.89
N LEU B 256 23.00 5.63 -1.49
CA LEU B 256 23.62 4.32 -1.61
C LEU B 256 23.89 3.68 -0.24
N LEU B 257 24.41 4.47 0.72
CA LEU B 257 24.73 3.91 2.02
C LEU B 257 23.45 3.48 2.73
N ALA B 258 22.35 4.21 2.52
CA ALA B 258 21.11 3.93 3.22
C ALA B 258 20.39 2.72 2.60
N LEU B 259 20.52 2.52 1.28
CA LEU B 259 19.93 1.38 0.60
C LEU B 259 20.74 0.11 0.85
N LEU B 260 22.08 0.21 0.87
CA LEU B 260 22.92 -0.97 1.00
C LEU B 260 23.33 -1.24 2.45
N GLN B 261 22.32 -1.36 3.30
CA GLN B 261 22.43 -1.81 4.68
C GLN B 261 22.01 -3.27 4.74
N ARG B 262 22.86 -4.04 5.40
CA ARG B 262 22.69 -5.48 5.51
C ARG B 262 21.37 -5.81 6.17
N ASN B 263 21.01 -5.06 7.22
CA ASN B 263 19.90 -5.37 8.10
C ASN B 263 18.65 -4.67 7.61
N HIS B 264 17.65 -5.45 7.21
CA HIS B 264 16.49 -4.91 6.54
C HIS B 264 15.71 -3.97 7.44
N LYS B 265 15.70 -4.19 8.76
CA LYS B 265 14.99 -3.25 9.62
C LYS B 265 15.65 -1.87 9.56
N ASP B 266 16.97 -1.80 9.39
CA ASP B 266 17.68 -0.52 9.37
C ASP B 266 17.63 0.13 7.99
N ARG B 267 17.50 -0.71 6.94
CA ARG B 267 17.58 -0.23 5.56
C ARG B 267 16.60 0.91 5.34
N MET B 268 16.92 1.84 4.44
CA MET B 268 15.99 2.86 4.01
C MET B 268 14.63 2.22 3.66
N ASP B 269 13.53 2.90 4.02
CA ASP B 269 12.20 2.42 3.64
C ASP B 269 11.66 3.21 2.44
N PHE B 270 10.50 2.79 1.95
CA PHE B 270 10.00 3.31 0.70
C PHE B 270 9.78 4.81 0.75
N ASP B 271 9.18 5.28 1.82
CA ASP B 271 8.89 6.69 1.97
C ASP B 271 10.16 7.53 1.83
N GLU B 272 11.22 7.11 2.51
CA GLU B 272 12.50 7.80 2.48
C GLU B 272 13.07 7.74 1.06
N PHE B 273 12.93 6.58 0.41
CA PHE B 273 13.44 6.41 -0.92
C PHE B 273 12.75 7.39 -1.87
N PHE B 274 11.42 7.43 -1.83
CA PHE B 274 10.66 8.22 -2.79
C PHE B 274 10.93 9.71 -2.60
N HIS B 275 11.22 10.16 -1.38
CA HIS B 275 11.42 11.57 -1.10
C HIS B 275 12.91 11.91 -0.95
N HIS B 276 13.82 11.04 -1.41
CA HIS B 276 15.24 11.28 -1.19
C HIS B 276 15.72 12.50 -1.99
N PRO B 277 16.52 13.39 -1.37
CA PRO B 277 17.05 14.57 -2.08
C PRO B 277 17.80 14.29 -3.39
N PHE B 278 18.46 13.13 -3.50
CA PHE B 278 19.05 12.77 -4.77
C PHE B 278 18.03 12.79 -5.89
N LEU B 279 16.78 12.39 -5.64
CA LEU B 279 15.81 12.32 -6.73
C LEU B 279 15.19 13.67 -7.10
N ASP B 280 15.46 14.78 -6.39
CA ASP B 280 14.76 16.03 -6.72
C ASP B 280 14.97 16.45 -8.19
#